data_3L2B
#
_entry.id   3L2B
#
_cell.length_a   63.847
_cell.length_b   71.764
_cell.length_c   116.334
_cell.angle_alpha   90.00
_cell.angle_beta   90.00
_cell.angle_gamma   90.00
#
_symmetry.space_group_name_H-M   'P 21 21 21'
#
loop_
_entity.id
_entity.type
_entity.pdbx_description
1 polymer 'Probable manganase-dependent inorganic pyrophosphatase'
2 non-polymer "BIS(ADENOSINE)-5'-TETRAPHOSPHATE"
3 water water
#
_entity_poly.entity_id   1
_entity_poly.type   'polypeptide(L)'
_entity_poly.pdbx_seq_one_letter_code
;GSHMVKLKVEDLEMDKIAPLAPEVSLKMAWNIMRDKNLKSIPVADGNNHLLGMLSTSNITATYMDIWDSNILAKSATSLD
NILDTLSAEAQNINEERKVFPGKVVVAAMQAESLKEFISEGDIAIAGDRAEIQAELIELKVSLLIVTGGHTPSKEIIELA
KKNNITVITTPHDSFTASRLIVQSLPVDYVMTKDNLVAVSTDDLVEDVKVTMSETRYSNYPVIDENNKVVGSIARFHLIS
THKKK
;
_entity_poly.pdbx_strand_id   A,B
#
# COMPACT_ATOMS: atom_id res chain seq x y z
N MET A 4 49.47 -15.00 -3.71
CA MET A 4 48.18 -15.75 -3.65
C MET A 4 47.14 -15.23 -4.65
N VAL A 5 46.59 -16.16 -5.44
CA VAL A 5 45.52 -15.86 -6.40
C VAL A 5 44.21 -16.15 -5.71
N LYS A 6 43.33 -15.16 -5.68
CA LYS A 6 42.13 -15.31 -4.91
C LYS A 6 40.91 -14.98 -5.73
N LEU A 7 39.92 -15.83 -5.52
CA LEU A 7 38.60 -15.68 -6.09
C LEU A 7 38.04 -14.31 -5.74
N LYS A 8 37.71 -13.57 -6.78
CA LYS A 8 36.98 -12.30 -6.67
C LYS A 8 35.48 -12.46 -7.04
N VAL A 9 34.67 -11.49 -6.62
CA VAL A 9 33.23 -11.46 -6.96
C VAL A 9 32.99 -11.67 -8.48
N GLU A 10 33.86 -11.11 -9.29
CA GLU A 10 33.71 -11.21 -10.77
C GLU A 10 33.76 -12.65 -11.26
N ASP A 11 34.36 -13.52 -10.46
CA ASP A 11 34.48 -14.94 -10.81
C ASP A 11 33.22 -15.72 -10.46
N LEU A 12 32.34 -15.11 -9.68
CA LEU A 12 31.15 -15.80 -9.18
C LEU A 12 30.01 -15.67 -10.15
N GLU A 13 29.01 -16.51 -9.92
CA GLU A 13 27.77 -16.45 -10.68
C GLU A 13 27.00 -15.27 -10.13
N MET A 14 26.53 -14.42 -11.02
CA MET A 14 25.65 -13.37 -10.56
C MET A 14 24.46 -13.14 -11.46
N ASP A 15 23.44 -12.58 -10.83
CA ASP A 15 22.22 -12.17 -11.51
C ASP A 15 22.45 -10.82 -12.14
N LYS A 16 22.42 -10.80 -13.46
CA LYS A 16 22.44 -9.54 -14.17
C LYS A 16 21.04 -9.01 -14.05
N ILE A 17 20.90 -7.88 -13.40
CA ILE A 17 19.59 -7.22 -13.31
C ILE A 17 19.77 -5.86 -13.89
N ALA A 18 18.93 -5.53 -14.86
CA ALA A 18 18.90 -4.15 -15.36
C ALA A 18 18.29 -3.26 -14.27
N PRO A 19 19.05 -2.26 -13.80
CA PRO A 19 18.55 -1.41 -12.70
C PRO A 19 17.49 -0.42 -13.10
N LEU A 20 16.70 -0.01 -12.13
CA LEU A 20 15.70 1.03 -12.32
C LEU A 20 16.31 2.42 -12.33
N ALA A 21 15.77 3.26 -13.20
CA ALA A 21 16.03 4.70 -13.16
C ALA A 21 15.33 5.23 -11.90
N PRO A 22 15.88 6.28 -11.29
CA PRO A 22 15.35 6.71 -9.98
C PRO A 22 13.96 7.35 -9.98
N GLU A 23 13.56 7.81 -11.16
CA GLU A 23 12.32 8.58 -11.32
C GLU A 23 11.15 7.65 -11.63
N VAL A 24 11.47 6.40 -11.88
CA VAL A 24 10.49 5.38 -12.23
C VAL A 24 9.47 5.21 -11.09
N SER A 25 8.20 5.09 -11.42
CA SER A 25 7.12 4.98 -10.41
C SER A 25 7.14 3.66 -9.67
N LEU A 26 6.60 3.67 -8.45
CA LEU A 26 6.44 2.42 -7.66
C LEU A 26 5.64 1.38 -8.39
N LYS A 27 4.67 1.86 -9.15
CA LYS A 27 3.81 0.96 -9.93
C LYS A 27 4.62 0.19 -10.96
N MET A 28 5.40 0.94 -11.74
CA MET A 28 6.23 0.37 -12.80
C MET A 28 7.31 -0.50 -12.23
N ALA A 29 7.82 -0.11 -11.06
CA ALA A 29 8.90 -0.85 -10.44
C ALA A 29 8.37 -2.22 -10.08
N TRP A 30 7.18 -2.23 -9.49
CA TRP A 30 6.59 -3.48 -8.99
C TRP A 30 6.21 -4.43 -10.11
N ASN A 31 5.74 -3.88 -11.22
CA ASN A 31 5.43 -4.73 -12.40
C ASN A 31 6.68 -5.43 -12.94
N ILE A 32 7.79 -4.69 -12.95
CA ILE A 32 9.08 -5.25 -13.36
C ILE A 32 9.52 -6.30 -12.35
N MET A 33 9.46 -5.97 -11.06
CA MET A 33 9.87 -6.89 -9.98
C MET A 33 9.09 -8.18 -9.99
N ARG A 34 7.79 -8.07 -10.17
CA ARG A 34 6.88 -9.22 -10.09
C ARG A 34 7.12 -10.14 -11.27
N ASP A 35 7.43 -9.53 -12.41
CA ASP A 35 7.64 -10.21 -13.70
C ASP A 35 8.93 -11.00 -13.65
N LYS A 36 10.00 -10.30 -13.29
CA LYS A 36 11.34 -10.90 -13.21
C LYS A 36 11.57 -11.66 -11.89
N ASN A 37 10.50 -11.84 -11.14
CA ASN A 37 10.51 -12.66 -9.93
C ASN A 37 11.51 -12.20 -8.88
N LEU A 38 11.69 -10.89 -8.83
CA LEU A 38 12.65 -10.27 -7.91
C LEU A 38 11.98 -9.86 -6.59
N LYS A 39 12.74 -9.92 -5.50
CA LYS A 39 12.29 -9.43 -4.19
C LYS A 39 12.88 -8.06 -3.95
N SER A 40 13.96 -7.78 -4.67
CA SER A 40 14.52 -6.45 -4.70
C SER A 40 15.16 -6.16 -6.04
N ILE A 41 15.46 -4.89 -6.25
CA ILE A 41 15.97 -4.41 -7.54
C ILE A 41 16.76 -3.14 -7.35
N PRO A 42 17.97 -3.10 -7.90
CA PRO A 42 18.81 -1.91 -7.75
C PRO A 42 18.32 -0.68 -8.53
N VAL A 43 18.57 0.47 -7.95
CA VAL A 43 18.26 1.74 -8.56
C VAL A 43 19.58 2.44 -8.89
N ALA A 44 19.68 2.93 -10.12
CA ALA A 44 20.94 3.54 -10.63
C ALA A 44 20.69 4.79 -11.45
N ASP A 45 21.66 5.70 -11.40
CA ASP A 45 21.60 6.96 -12.16
C ASP A 45 21.89 6.75 -13.63
N GLY A 46 21.97 7.86 -14.35
CA GLY A 46 22.11 7.82 -15.80
C GLY A 46 23.41 7.21 -16.26
N ASN A 47 24.43 7.29 -15.42
CA ASN A 47 25.75 6.71 -15.72
C ASN A 47 25.85 5.31 -15.17
N ASN A 48 24.70 4.84 -14.71
CA ASN A 48 24.53 3.49 -14.21
C ASN A 48 25.36 3.31 -12.96
N HIS A 49 25.52 4.39 -12.21
CA HIS A 49 26.06 4.32 -10.85
C HIS A 49 24.89 3.97 -9.89
N LEU A 50 25.21 3.28 -8.78
CA LEU A 50 24.20 2.81 -7.81
C LEU A 50 23.69 3.96 -6.95
N LEU A 51 22.39 4.13 -6.92
CA LEU A 51 21.81 5.14 -6.02
C LEU A 51 21.16 4.48 -4.79
N GLY A 52 20.66 3.27 -4.98
CA GLY A 52 19.99 2.53 -3.90
C GLY A 52 19.35 1.23 -4.35
N MET A 53 18.40 0.78 -3.53
CA MET A 53 17.70 -0.49 -3.75
C MET A 53 16.22 -0.44 -3.31
N LEU A 54 15.39 -1.03 -4.15
CA LEU A 54 13.97 -1.16 -3.91
C LEU A 54 13.57 -2.59 -3.50
N SER A 55 12.88 -2.71 -2.39
CA SER A 55 12.26 -4.00 -2.01
C SER A 55 10.81 -3.82 -1.66
N THR A 56 10.12 -4.93 -1.42
CA THR A 56 8.73 -4.84 -0.95
C THR A 56 8.63 -4.33 0.49
N SER A 57 9.74 -4.34 1.24
CA SER A 57 9.78 -3.72 2.56
C SER A 57 9.69 -2.18 2.49
N ASN A 58 10.39 -1.58 1.53
CA ASN A 58 10.28 -0.11 1.27
C ASN A 58 8.86 0.27 0.82
N ILE A 59 8.37 -0.51 -0.11
CA ILE A 59 7.08 -0.24 -0.75
C ILE A 59 6.00 -0.35 0.33
N THR A 60 6.04 -1.42 1.11
CA THR A 60 5.03 -1.61 2.15
C THR A 60 5.06 -0.46 3.16
N ALA A 61 6.26 -0.11 3.60
CA ALA A 61 6.41 0.93 4.60
C ALA A 61 5.79 2.23 4.08
N THR A 62 6.04 2.53 2.81
CA THR A 62 5.51 3.74 2.19
C THR A 62 4.01 3.68 1.99
N TYR A 63 3.51 2.57 1.48
CA TYR A 63 2.05 2.42 1.31
CA TYR A 63 2.06 2.42 1.29
C TYR A 63 1.32 2.45 2.63
N MET A 64 1.89 1.84 3.64
CA MET A 64 1.22 1.75 4.94
C MET A 64 1.31 3.06 5.74
N ASP A 65 2.12 4.00 5.27
CA ASP A 65 2.28 5.26 6.01
C ASP A 65 1.47 6.37 5.38
N ILE A 66 0.43 6.77 6.10
CA ILE A 66 -0.54 7.71 5.57
C ILE A 66 -0.36 9.11 6.17
N TRP A 67 0.74 9.29 6.87
CA TRP A 67 0.93 10.47 7.72
C TRP A 67 1.48 11.74 7.04
N ASP A 68 1.95 11.63 5.81
CA ASP A 68 2.38 12.84 5.09
C ASP A 68 1.55 13.06 3.83
N SER A 69 0.56 13.96 3.94
CA SER A 69 -0.39 14.19 2.83
C SER A 69 0.28 15.02 1.74
N ASN A 70 1.52 15.34 2.06
CA ASN A 70 2.43 16.21 1.33
C ASN A 70 3.53 15.39 0.57
N ILE A 71 3.36 14.08 0.52
CA ILE A 71 4.42 13.21 -0.09
C ILE A 71 4.73 13.49 -1.58
N LEU A 72 3.75 14.03 -2.31
CA LEU A 72 3.99 14.35 -3.74
C LEU A 72 5.05 15.46 -3.82
N ALA A 73 5.00 16.37 -2.86
CA ALA A 73 5.94 17.50 -2.81
C ALA A 73 7.30 17.02 -2.37
N LYS A 74 7.29 16.27 -1.27
CA LYS A 74 8.53 15.79 -0.67
C LYS A 74 9.28 14.89 -1.63
N SER A 75 8.55 14.23 -2.51
CA SER A 75 9.14 13.23 -3.41
C SER A 75 9.37 13.80 -4.80
N ALA A 76 8.96 15.04 -5.01
CA ALA A 76 8.98 15.62 -6.36
C ALA A 76 8.37 14.68 -7.40
N THR A 77 7.28 14.00 -7.05
CA THR A 77 6.64 13.09 -8.02
C THR A 77 6.32 13.87 -9.29
N SER A 78 6.63 13.24 -10.41
CA SER A 78 6.46 13.86 -11.74
C SER A 78 5.04 13.71 -12.20
N LEU A 79 4.64 14.59 -13.08
CA LEU A 79 3.32 14.53 -13.70
C LEU A 79 3.18 13.25 -14.53
N ASP A 80 4.24 12.89 -15.22
CA ASP A 80 4.24 11.62 -16.01
C ASP A 80 3.86 10.39 -15.16
N ASN A 81 4.46 10.32 -13.98
CA ASN A 81 4.25 9.18 -13.10
C ASN A 81 2.79 9.08 -12.66
N ILE A 82 2.25 10.25 -12.30
CA ILE A 82 0.87 10.37 -11.89
C ILE A 82 -0.03 10.01 -13.06
N LEU A 83 0.29 10.53 -14.24
CA LEU A 83 -0.52 10.22 -15.44
C LEU A 83 -0.56 8.72 -15.67
N ASP A 84 0.58 8.05 -15.58
CA ASP A 84 0.66 6.61 -15.83
C ASP A 84 -0.14 5.83 -14.80
N THR A 85 0.05 6.19 -13.53
CA THR A 85 -0.51 5.45 -12.41
C THR A 85 -2.04 5.54 -12.41
N LEU A 86 -2.57 6.69 -12.78
CA LEU A 86 -4.02 6.91 -12.78
C LEU A 86 -4.61 6.68 -14.16
N SER A 87 -3.78 6.20 -15.08
CA SER A 87 -4.14 6.09 -16.51
C SER A 87 -4.86 7.35 -16.95
N ALA A 88 -4.25 8.47 -16.64
CA ALA A 88 -4.89 9.77 -16.87
C ALA A 88 -4.37 10.45 -18.12
N GLU A 89 -5.17 11.36 -18.63
CA GLU A 89 -4.72 12.21 -19.72
C GLU A 89 -4.77 13.63 -19.23
N ALA A 90 -3.79 14.40 -19.65
CA ALA A 90 -3.69 15.81 -19.31
C ALA A 90 -4.49 16.62 -20.30
N GLN A 91 -5.19 17.63 -19.78
CA GLN A 91 -5.93 18.60 -20.61
C GLN A 91 -5.23 19.95 -20.64
N ASN A 92 -4.54 20.25 -19.55
CA ASN A 92 -3.62 21.37 -19.52
C ASN A 92 -2.45 21.04 -18.62
N ILE A 93 -1.31 21.60 -18.97
CA ILE A 93 -0.08 21.44 -18.20
C ILE A 93 0.63 22.77 -17.95
N ASN A 94 0.90 23.03 -16.68
CA ASN A 94 1.80 24.10 -16.30
C ASN A 94 3.22 23.64 -16.52
N GLU A 95 3.83 24.10 -17.61
CA GLU A 95 5.12 23.59 -18.06
C GLU A 95 6.28 24.10 -17.20
N GLU A 96 6.01 25.06 -16.33
CA GLU A 96 7.10 25.65 -15.51
C GLU A 96 7.09 25.09 -14.10
N ARG A 97 6.17 24.17 -13.87
CA ARG A 97 6.06 23.49 -12.59
C ARG A 97 6.59 22.07 -12.70
N LYS A 98 7.61 21.73 -11.94
CA LYS A 98 8.02 20.31 -11.88
C LYS A 98 7.30 19.62 -10.70
N VAL A 99 6.94 20.42 -9.70
CA VAL A 99 6.53 19.87 -8.40
C VAL A 99 5.18 20.38 -7.95
N PHE A 100 4.40 19.46 -7.42
CA PHE A 100 3.06 19.74 -6.90
C PHE A 100 3.15 19.86 -5.39
N PRO A 101 3.02 21.09 -4.87
CA PRO A 101 3.60 21.32 -3.54
C PRO A 101 2.67 21.12 -2.33
N GLY A 102 1.37 21.07 -2.56
CA GLY A 102 0.43 20.99 -1.42
C GLY A 102 0.05 19.59 -1.00
N LYS A 103 -1.18 19.46 -0.55
CA LYS A 103 -1.72 18.18 -0.10
C LYS A 103 -2.76 17.64 -1.07
N VAL A 104 -2.89 16.31 -1.12
CA VAL A 104 -3.97 15.66 -1.86
C VAL A 104 -5.24 15.70 -1.03
N VAL A 105 -6.33 16.07 -1.66
CA VAL A 105 -7.59 16.26 -0.99
C VAL A 105 -8.69 15.89 -1.94
N VAL A 106 -9.64 15.13 -1.43
CA VAL A 106 -10.85 14.84 -2.22
C VAL A 106 -11.78 16.02 -2.04
N ALA A 107 -12.16 16.61 -3.17
CA ALA A 107 -13.09 17.72 -3.18
C ALA A 107 -14.52 17.18 -3.21
N ALA A 108 -15.04 16.82 -2.04
CA ALA A 108 -16.38 16.25 -1.87
C ALA A 108 -17.43 17.30 -1.53
N MET A 109 -16.96 18.41 -0.99
CA MET A 109 -17.84 19.42 -0.42
C MET A 109 -18.62 20.19 -1.50
N GLN A 110 -19.36 21.21 -1.09
CA GLN A 110 -20.04 22.15 -2.01
C GLN A 110 -19.09 23.27 -2.38
N ALA A 111 -19.25 23.78 -3.60
CA ALA A 111 -18.31 24.78 -4.17
C ALA A 111 -17.81 25.85 -3.17
N GLU A 112 -18.73 26.37 -2.37
CA GLU A 112 -18.44 27.51 -1.48
C GLU A 112 -17.59 27.09 -0.30
N SER A 113 -17.67 25.82 0.04
CA SER A 113 -16.98 25.25 1.20
C SER A 113 -15.57 24.78 0.88
N LEU A 114 -15.29 24.67 -0.42
CA LEU A 114 -13.98 24.12 -0.85
C LEU A 114 -12.83 24.91 -0.26
N LYS A 115 -13.02 26.22 -0.13
CA LYS A 115 -11.93 27.11 0.33
C LYS A 115 -11.40 26.87 1.75
N GLU A 116 -12.11 26.08 2.54
CA GLU A 116 -11.67 25.82 3.94
C GLU A 116 -10.82 24.57 4.11
N PHE A 117 -10.83 23.72 3.11
CA PHE A 117 -10.01 22.50 3.12
C PHE A 117 -8.91 22.54 2.06
N ILE A 118 -9.12 23.36 1.06
CA ILE A 118 -8.29 23.33 -0.14
C ILE A 118 -7.60 24.67 -0.32
N SER A 119 -6.34 24.59 -0.64
CA SER A 119 -5.41 25.69 -0.49
C SER A 119 -4.48 25.77 -1.72
N GLU A 120 -4.10 26.98 -2.10
CA GLU A 120 -3.16 27.16 -3.24
C GLU A 120 -2.05 26.13 -3.19
N GLY A 121 -1.91 25.38 -4.29
CA GLY A 121 -0.84 24.38 -4.42
C GLY A 121 -1.26 22.96 -4.17
N ASP A 122 -2.46 22.81 -3.63
CA ASP A 122 -2.96 21.46 -3.32
C ASP A 122 -3.21 20.64 -4.58
N ILE A 123 -3.34 19.35 -4.36
CA ILE A 123 -3.80 18.41 -5.37
C ILE A 123 -5.21 17.99 -5.03
N ALA A 124 -6.14 18.35 -5.91
CA ALA A 124 -7.56 18.12 -5.67
C ALA A 124 -8.13 17.04 -6.56
N ILE A 125 -8.77 16.08 -5.93
CA ILE A 125 -9.49 15.04 -6.63
C ILE A 125 -10.95 15.44 -6.65
N ALA A 126 -11.48 15.58 -7.86
CA ALA A 126 -12.81 16.17 -8.08
C ALA A 126 -13.61 15.38 -9.09
N GLY A 127 -14.92 15.52 -8.99
CA GLY A 127 -15.85 14.92 -9.94
C GLY A 127 -16.14 15.77 -11.16
N ASP A 128 -17.28 15.44 -11.77
CA ASP A 128 -17.74 15.95 -13.07
C ASP A 128 -18.25 17.39 -12.96
N ARG A 129 -18.54 17.82 -11.75
CA ARG A 129 -19.17 19.12 -11.53
C ARG A 129 -18.24 20.25 -12.00
N ALA A 130 -18.72 21.02 -12.98
CA ALA A 130 -17.93 22.16 -13.52
C ALA A 130 -17.84 23.32 -12.52
N GLU A 131 -18.82 23.43 -11.62
CA GLU A 131 -18.82 24.47 -10.60
C GLU A 131 -17.64 24.24 -9.66
N ILE A 132 -17.46 22.98 -9.28
CA ILE A 132 -16.39 22.56 -8.38
C ILE A 132 -15.05 22.73 -9.08
N GLN A 133 -15.01 22.29 -10.32
CA GLN A 133 -13.79 22.32 -11.10
C GLN A 133 -13.26 23.76 -11.19
N ALA A 134 -14.17 24.71 -11.39
CA ALA A 134 -13.80 26.13 -11.55
C ALA A 134 -13.43 26.80 -10.23
N GLU A 135 -14.03 26.39 -9.13
CA GLU A 135 -13.61 26.98 -7.85
C GLU A 135 -12.21 26.46 -7.51
N LEU A 136 -11.92 25.21 -7.89
CA LEU A 136 -10.63 24.59 -7.57
C LEU A 136 -9.54 25.36 -8.31
N ILE A 137 -9.86 25.73 -9.54
CA ILE A 137 -8.94 26.47 -10.38
C ILE A 137 -8.72 27.87 -9.80
N GLU A 138 -9.80 28.52 -9.36
CA GLU A 138 -9.71 29.84 -8.71
C GLU A 138 -8.88 29.80 -7.42
N LEU A 139 -8.88 28.65 -6.76
CA LEU A 139 -8.11 28.52 -5.51
C LEU A 139 -6.65 28.19 -5.80
N LYS A 140 -6.33 28.17 -7.09
CA LYS A 140 -4.96 27.93 -7.58
C LYS A 140 -4.36 26.63 -7.06
N VAL A 141 -5.14 25.58 -7.17
CA VAL A 141 -4.61 24.24 -6.95
C VAL A 141 -3.48 24.03 -7.97
N SER A 142 -2.47 23.29 -7.56
CA SER A 142 -1.36 23.01 -8.45
C SER A 142 -1.76 21.90 -9.41
N LEU A 143 -2.71 21.07 -9.00
CA LEU A 143 -3.17 19.95 -9.85
C LEU A 143 -4.60 19.60 -9.60
N LEU A 144 -5.37 19.66 -10.68
CA LEU A 144 -6.75 19.20 -10.71
C LEU A 144 -6.85 17.84 -11.37
N ILE A 145 -7.28 16.85 -10.58
CA ILE A 145 -7.54 15.51 -11.07
C ILE A 145 -9.06 15.28 -11.15
N VAL A 146 -9.58 15.19 -12.37
CA VAL A 146 -11.00 14.92 -12.58
C VAL A 146 -11.21 13.42 -12.71
N THR A 147 -12.15 12.91 -11.91
CA THR A 147 -12.45 11.47 -11.84
C THR A 147 -13.50 11.08 -12.87
N GLY A 148 -13.75 9.79 -12.94
CA GLY A 148 -14.86 9.25 -13.71
C GLY A 148 -14.68 9.17 -15.21
N GLY A 149 -13.51 9.60 -15.69
CA GLY A 149 -13.22 9.64 -17.12
C GLY A 149 -13.90 10.83 -17.78
N HIS A 150 -14.42 11.71 -16.94
CA HIS A 150 -15.19 12.89 -17.36
C HIS A 150 -14.35 14.10 -17.74
N THR A 151 -13.65 13.98 -18.88
CA THR A 151 -12.83 15.09 -19.37
C THR A 151 -13.65 16.38 -19.24
N PRO A 152 -13.09 17.41 -18.58
CA PRO A 152 -13.89 18.61 -18.30
C PRO A 152 -14.14 19.47 -19.55
N SER A 153 -14.97 20.49 -19.40
CA SER A 153 -15.39 21.32 -20.53
C SER A 153 -14.28 22.21 -21.06
N LYS A 154 -14.46 22.64 -22.31
CA LYS A 154 -13.52 23.53 -23.00
C LYS A 154 -13.36 24.82 -22.21
N GLU A 155 -14.45 25.24 -21.57
CA GLU A 155 -14.42 26.43 -20.71
C GLU A 155 -13.41 26.26 -19.58
N ILE A 156 -13.54 25.13 -18.89
CA ILE A 156 -12.74 24.85 -17.70
C ILE A 156 -11.26 24.72 -18.08
N ILE A 157 -11.02 24.06 -19.21
CA ILE A 157 -9.66 23.95 -19.76
C ILE A 157 -9.04 25.31 -20.03
N GLU A 158 -9.85 26.25 -20.53
CA GLU A 158 -9.34 27.61 -20.85
C GLU A 158 -9.14 28.43 -19.58
N LEU A 159 -9.93 28.15 -18.55
CA LEU A 159 -9.75 28.80 -17.25
C LEU A 159 -8.43 28.28 -16.68
N ALA A 160 -8.19 26.98 -16.90
CA ALA A 160 -6.98 26.35 -16.41
C ALA A 160 -5.78 26.92 -17.15
N LYS A 161 -5.93 27.08 -18.46
CA LYS A 161 -4.83 27.60 -19.33
C LYS A 161 -4.38 28.97 -18.87
N LYS A 162 -5.36 29.80 -18.60
CA LYS A 162 -5.14 31.18 -18.23
C LYS A 162 -4.37 31.28 -16.91
N ASN A 163 -4.77 30.45 -15.95
CA ASN A 163 -4.20 30.52 -14.59
C ASN A 163 -3.05 29.54 -14.35
N ASN A 164 -2.74 28.78 -15.40
CA ASN A 164 -1.60 27.86 -15.42
C ASN A 164 -1.78 26.79 -14.35
N ILE A 165 -2.96 26.24 -14.34
CA ILE A 165 -3.29 25.11 -13.47
C ILE A 165 -3.24 23.85 -14.30
N THR A 166 -2.41 22.91 -13.87
CA THR A 166 -2.37 21.60 -14.51
C THR A 166 -3.65 20.83 -14.21
N VAL A 167 -4.23 20.26 -15.27
CA VAL A 167 -5.46 19.53 -15.18
C VAL A 167 -5.34 18.19 -15.89
N ILE A 168 -5.78 17.13 -15.23
CA ILE A 168 -5.80 15.82 -15.83
C ILE A 168 -7.09 15.10 -15.50
N THR A 169 -7.31 14.02 -16.24
CA THR A 169 -8.51 13.21 -16.12
C THR A 169 -8.19 11.74 -16.05
N THR A 170 -8.73 11.09 -15.03
CA THR A 170 -8.55 9.65 -14.88
C THR A 170 -9.87 8.91 -15.03
N PRO A 171 -9.84 7.63 -15.42
CA PRO A 171 -11.14 6.93 -15.47
C PRO A 171 -11.67 6.53 -14.08
N HIS A 172 -10.81 6.62 -13.09
CA HIS A 172 -11.08 6.04 -11.78
C HIS A 172 -11.96 6.93 -10.98
N ASP A 173 -12.77 6.35 -10.11
CA ASP A 173 -13.51 7.14 -9.13
C ASP A 173 -12.58 7.62 -8.02
N SER A 174 -13.11 8.44 -7.12
CA SER A 174 -12.26 9.16 -6.16
C SER A 174 -11.65 8.25 -5.12
N PHE A 175 -12.39 7.22 -4.70
CA PHE A 175 -11.82 6.27 -3.77
C PHE A 175 -10.61 5.60 -4.41
N THR A 176 -10.78 5.18 -5.66
CA THR A 176 -9.75 4.43 -6.38
C THR A 176 -8.54 5.32 -6.67
N ALA A 177 -8.78 6.53 -7.13
CA ALA A 177 -7.69 7.48 -7.41
C ALA A 177 -6.88 7.75 -6.14
N SER A 178 -7.59 7.81 -5.02
CA SER A 178 -6.95 8.11 -3.74
C SER A 178 -6.04 6.97 -3.34
N ARG A 179 -6.51 5.77 -3.60
CA ARG A 179 -5.85 4.54 -3.20
C ARG A 179 -4.65 4.26 -4.09
N LEU A 180 -4.74 4.72 -5.33
CA LEU A 180 -3.72 4.45 -6.35
C LEU A 180 -2.61 5.48 -6.44
N ILE A 181 -2.92 6.71 -6.05
CA ILE A 181 -2.04 7.82 -6.37
C ILE A 181 -0.65 7.69 -5.71
N VAL A 182 -0.56 6.99 -4.57
CA VAL A 182 0.78 6.84 -3.91
C VAL A 182 1.70 5.89 -4.68
N GLN A 183 1.13 5.13 -5.60
CA GLN A 183 1.89 4.21 -6.42
C GLN A 183 2.66 4.97 -7.51
N SER A 184 2.46 6.26 -7.56
CA SER A 184 3.05 7.07 -8.58
C SER A 184 4.40 7.61 -8.10
N LEU A 185 4.67 7.47 -6.79
CA LEU A 185 5.92 7.93 -6.19
C LEU A 185 7.18 7.39 -6.91
N PRO A 186 8.19 8.25 -7.10
CA PRO A 186 9.43 7.70 -7.70
C PRO A 186 10.20 6.83 -6.75
N VAL A 187 10.82 5.78 -7.29
CA VAL A 187 11.47 4.79 -6.44
C VAL A 187 12.51 5.46 -5.53
N ASP A 188 13.14 6.55 -5.97
CA ASP A 188 14.23 7.16 -5.19
C ASP A 188 13.73 7.86 -3.95
N TYR A 189 12.43 8.09 -3.85
CA TYR A 189 11.89 8.59 -2.59
C TYR A 189 11.77 7.47 -1.56
N VAL A 190 11.62 6.27 -2.07
CA VAL A 190 11.18 5.10 -1.27
C VAL A 190 12.30 4.10 -0.98
N MET A 191 13.23 4.03 -1.91
CA MET A 191 14.29 3.02 -1.89
C MET A 191 15.18 3.17 -0.67
N THR A 192 15.79 2.06 -0.29
CA THR A 192 16.89 2.07 0.68
C THR A 192 18.09 2.80 0.06
N LYS A 193 18.55 3.86 0.70
CA LYS A 193 19.74 4.62 0.25
C LYS A 193 20.87 4.41 1.22
N ASP A 194 20.62 4.81 2.46
CA ASP A 194 21.62 4.72 3.52
C ASP A 194 21.82 3.29 3.98
N ASN A 195 23.08 2.95 4.23
CA ASN A 195 23.43 1.63 4.75
C ASN A 195 23.02 0.49 3.80
N LEU A 196 22.91 0.82 2.52
CA LEU A 196 22.81 -0.19 1.48
C LEU A 196 24.15 -0.87 1.46
N VAL A 197 24.14 -2.19 1.49
CA VAL A 197 25.38 -2.95 1.45
C VAL A 197 25.55 -3.55 0.06
N ALA A 198 26.60 -3.09 -0.61
CA ALA A 198 26.95 -3.54 -1.95
C ALA A 198 28.31 -4.18 -1.91
N VAL A 199 28.60 -4.98 -2.91
CA VAL A 199 29.92 -5.55 -3.08
C VAL A 199 30.49 -5.15 -4.44
N SER A 200 31.80 -5.12 -4.53
CA SER A 200 32.49 -4.82 -5.80
C SER A 200 32.99 -6.07 -6.49
N THR A 201 32.93 -6.05 -7.82
CA THR A 201 33.47 -7.14 -8.65
C THR A 201 34.87 -7.57 -8.20
N ASP A 202 35.69 -6.61 -7.79
CA ASP A 202 37.07 -6.95 -7.45
C ASP A 202 37.25 -7.24 -5.96
N ASP A 203 36.17 -7.20 -5.20
CA ASP A 203 36.21 -7.65 -3.81
C ASP A 203 36.55 -9.14 -3.77
N LEU A 204 37.29 -9.57 -2.76
CA LEU A 204 37.64 -10.98 -2.61
C LEU A 204 36.49 -11.73 -1.94
N VAL A 205 36.23 -12.94 -2.44
CA VAL A 205 35.07 -13.69 -1.99
C VAL A 205 35.19 -13.98 -0.51
N GLU A 206 36.43 -14.26 -0.11
CA GLU A 206 36.80 -14.46 1.30
C GLU A 206 36.18 -13.36 2.18
N ASP A 207 36.43 -12.13 1.77
CA ASP A 207 36.05 -10.96 2.58
C ASP A 207 34.55 -10.64 2.48
N VAL A 208 33.95 -11.02 1.36
CA VAL A 208 32.51 -10.83 1.14
C VAL A 208 31.72 -11.87 1.95
N LYS A 209 32.34 -13.00 2.27
CA LYS A 209 31.70 -14.03 3.15
C LYS A 209 31.50 -13.47 4.57
N VAL A 210 32.44 -12.64 5.02
CA VAL A 210 32.37 -12.01 6.34
C VAL A 210 31.23 -10.99 6.33
N THR A 211 31.34 -10.05 5.42
CA THR A 211 30.34 -8.99 5.21
C THR A 211 28.92 -9.54 5.18
N MET A 212 28.76 -10.69 4.53
CA MET A 212 27.46 -11.36 4.40
C MET A 212 26.98 -11.95 5.73
N SER A 213 27.94 -12.33 6.58
CA SER A 213 27.62 -12.88 7.90
C SER A 213 27.28 -11.77 8.89
N GLU A 214 27.89 -10.61 8.70
CA GLU A 214 27.62 -9.42 9.53
C GLU A 214 26.21 -8.85 9.31
N THR A 215 25.62 -9.12 8.15
CA THR A 215 24.37 -8.45 7.72
C THR A 215 23.19 -9.35 7.29
N ARG A 216 23.48 -10.60 6.96
CA ARG A 216 22.42 -11.60 6.63
C ARG A 216 21.28 -11.16 5.67
N TYR A 217 21.56 -10.23 4.75
CA TYR A 217 20.63 -10.01 3.62
C TYR A 217 20.77 -11.16 2.67
N SER A 218 19.73 -11.42 1.91
CA SER A 218 19.73 -12.57 1.00
C SER A 218 20.40 -12.26 -0.36
N ASN A 219 20.45 -10.99 -0.75
CA ASN A 219 21.08 -10.58 -2.02
C ASN A 219 21.79 -9.22 -1.90
N TYR A 220 22.88 -9.10 -2.64
CA TYR A 220 23.73 -7.91 -2.61
C TYR A 220 24.05 -7.32 -4.00
N PRO A 221 23.82 -6.03 -4.19
CA PRO A 221 24.16 -5.53 -5.51
C PRO A 221 25.65 -5.51 -5.74
N VAL A 222 26.03 -5.82 -6.96
CA VAL A 222 27.42 -5.88 -7.36
C VAL A 222 27.72 -4.72 -8.26
N ILE A 223 28.75 -3.96 -7.88
CA ILE A 223 29.22 -2.83 -8.67
C ILE A 223 30.65 -3.15 -9.17
N ASP A 224 31.00 -2.61 -10.34
CA ASP A 224 32.33 -2.89 -10.88
C ASP A 224 33.38 -1.91 -10.34
N GLU A 225 34.58 -2.02 -10.92
CA GLU A 225 35.77 -1.28 -10.47
C GLU A 225 35.71 0.20 -10.86
N ASN A 226 34.66 0.54 -11.59
CA ASN A 226 34.38 1.92 -11.97
C ASN A 226 33.01 2.37 -11.46
N ASN A 227 32.48 1.57 -10.53
CA ASN A 227 31.22 1.85 -9.82
C ASN A 227 29.90 1.77 -10.58
N LYS A 228 29.92 1.18 -11.77
CA LYS A 228 28.66 0.88 -12.47
C LYS A 228 28.02 -0.36 -11.83
N VAL A 229 26.69 -0.38 -11.78
CA VAL A 229 25.96 -1.53 -11.27
C VAL A 229 26.05 -2.63 -12.28
N VAL A 230 26.63 -3.74 -11.88
CA VAL A 230 26.91 -4.86 -12.78
C VAL A 230 26.00 -6.04 -12.55
N GLY A 231 25.13 -5.92 -11.54
CA GLY A 231 24.21 -6.98 -11.18
C GLY A 231 23.98 -7.21 -9.69
N SER A 232 23.73 -8.46 -9.35
CA SER A 232 23.39 -8.84 -8.00
C SER A 232 23.89 -10.25 -7.73
N ILE A 233 24.38 -10.45 -6.53
CA ILE A 233 24.83 -11.78 -6.10
C ILE A 233 24.01 -12.25 -4.88
N ALA A 234 23.72 -13.54 -4.85
CA ALA A 234 23.01 -14.16 -3.71
C ALA A 234 23.96 -14.51 -2.56
N ARG A 235 23.43 -14.44 -1.36
CA ARG A 235 24.15 -14.84 -0.14
C ARG A 235 24.51 -16.30 -0.29
N PHE A 236 25.77 -16.63 -0.06
CA PHE A 236 26.23 -18.00 -0.36
C PHE A 236 25.61 -19.04 0.56
N LYS B 6 20.22 -39.84 15.35
CA LYS B 6 20.16 -38.81 14.28
C LYS B 6 19.51 -37.52 14.78
N LEU B 7 20.10 -36.39 14.41
CA LEU B 7 19.68 -35.06 14.89
C LEU B 7 18.40 -34.54 14.20
N LYS B 8 17.40 -34.26 15.04
CA LYS B 8 16.10 -33.77 14.58
C LYS B 8 16.01 -32.24 14.71
N VAL B 9 14.94 -31.66 14.18
CA VAL B 9 14.77 -30.18 14.17
C VAL B 9 14.57 -29.63 15.59
N GLU B 10 13.91 -30.43 16.44
CA GLU B 10 13.67 -30.05 17.84
C GLU B 10 14.96 -29.96 18.67
N ASP B 11 16.06 -30.50 18.12
CA ASP B 11 17.38 -30.41 18.75
C ASP B 11 18.09 -29.12 18.36
N LEU B 12 17.48 -28.39 17.43
CA LEU B 12 18.03 -27.10 17.03
C LEU B 12 17.46 -26.02 17.90
N GLU B 13 18.29 -25.03 18.16
CA GLU B 13 17.80 -23.77 18.73
C GLU B 13 17.01 -23.09 17.63
N MET B 14 15.91 -22.49 18.04
CA MET B 14 15.00 -21.83 17.11
C MET B 14 14.76 -20.41 17.55
N ASP B 15 14.30 -19.61 16.60
CA ASP B 15 13.84 -18.26 16.90
C ASP B 15 12.47 -18.41 17.55
N LYS B 16 12.23 -17.63 18.58
CA LYS B 16 10.90 -17.60 19.18
C LYS B 16 10.08 -16.68 18.33
N ILE B 17 8.82 -17.02 18.16
CA ILE B 17 7.94 -16.22 17.31
C ILE B 17 6.47 -16.36 17.68
N ALA B 18 5.87 -15.25 18.10
CA ALA B 18 4.47 -15.22 18.49
C ALA B 18 3.60 -15.07 17.23
N PRO B 19 2.79 -16.12 16.92
CA PRO B 19 1.98 -16.07 15.70
C PRO B 19 0.88 -15.04 15.75
N LEU B 20 0.51 -14.52 14.60
CA LEU B 20 -0.68 -13.65 14.49
C LEU B 20 -1.95 -14.48 14.43
N ALA B 21 -3.02 -13.92 14.99
CA ALA B 21 -4.35 -14.48 14.83
C ALA B 21 -4.78 -14.18 13.39
N PRO B 22 -5.69 -15.00 12.83
CA PRO B 22 -6.01 -14.81 11.39
C PRO B 22 -6.85 -13.58 11.10
N GLU B 23 -7.51 -13.08 12.13
CA GLU B 23 -8.47 -11.98 12.01
C GLU B 23 -7.85 -10.59 12.22
N VAL B 24 -6.62 -10.53 12.67
CA VAL B 24 -5.92 -9.26 12.87
C VAL B 24 -5.77 -8.50 11.54
N SER B 25 -5.89 -7.18 11.61
CA SER B 25 -5.75 -6.29 10.45
C SER B 25 -4.32 -6.23 9.93
N LEU B 26 -4.19 -5.96 8.65
CA LEU B 26 -2.85 -5.71 8.06
C LEU B 26 -2.17 -4.56 8.80
N LYS B 27 -2.92 -3.57 9.19
CA LYS B 27 -2.34 -2.46 9.95
C LYS B 27 -1.70 -2.93 11.24
N MET B 28 -2.46 -3.66 12.03
CA MET B 28 -1.94 -4.28 13.26
C MET B 28 -0.78 -5.20 12.99
N ALA B 29 -0.90 -6.00 11.93
CA ALA B 29 0.15 -6.96 11.59
C ALA B 29 1.44 -6.25 11.24
N TRP B 30 1.32 -5.16 10.47
CA TRP B 30 2.50 -4.43 10.00
C TRP B 30 3.19 -3.76 11.18
N ASN B 31 2.39 -3.22 12.10
CA ASN B 31 2.96 -2.57 13.30
C ASN B 31 3.75 -3.60 14.11
N ILE B 32 3.26 -4.81 14.16
CA ILE B 32 3.95 -5.87 14.91
C ILE B 32 5.24 -6.26 14.16
N MET B 33 5.15 -6.40 12.85
CA MET B 33 6.30 -6.83 12.05
C MET B 33 7.45 -5.83 12.18
N ARG B 34 7.11 -4.56 12.13
CA ARG B 34 8.12 -3.52 12.33
C ARG B 34 8.67 -3.61 13.72
N ASP B 35 7.76 -3.61 14.68
CA ASP B 35 8.16 -3.61 16.09
C ASP B 35 9.18 -4.70 16.39
N LYS B 36 9.08 -5.85 15.71
CA LYS B 36 9.99 -6.97 15.96
C LYS B 36 11.02 -7.17 14.86
N ASN B 37 10.97 -6.29 13.87
CA ASN B 37 11.84 -6.40 12.71
C ASN B 37 11.71 -7.73 11.98
N LEU B 38 10.46 -8.15 11.77
CA LEU B 38 10.16 -9.41 11.07
C LEU B 38 9.70 -9.16 9.65
N LYS B 39 10.33 -9.87 8.73
CA LYS B 39 10.04 -9.74 7.30
C LYS B 39 8.79 -10.58 6.97
N SER B 40 8.64 -11.63 7.76
CA SER B 40 7.46 -12.45 7.71
C SER B 40 7.15 -12.97 9.09
N ILE B 41 5.90 -13.38 9.26
CA ILE B 41 5.41 -13.83 10.56
C ILE B 41 4.35 -14.89 10.35
N PRO B 42 4.39 -15.96 11.15
CA PRO B 42 3.30 -16.94 11.02
C PRO B 42 1.96 -16.48 11.54
N VAL B 43 0.94 -17.04 10.91
CA VAL B 43 -0.44 -16.91 11.32
C VAL B 43 -0.95 -18.29 11.79
N ALA B 44 -1.56 -18.29 12.97
CA ALA B 44 -2.04 -19.53 13.62
C ALA B 44 -3.41 -19.35 14.24
N ASP B 45 -4.15 -20.45 14.32
CA ASP B 45 -5.49 -20.41 14.93
C ASP B 45 -5.40 -20.34 16.43
N GLY B 46 -6.56 -20.36 17.08
CA GLY B 46 -6.65 -20.21 18.53
C GLY B 46 -5.99 -21.33 19.29
N ASN B 47 -5.79 -22.45 18.61
CA ASN B 47 -5.12 -23.61 19.17
C ASN B 47 -3.70 -23.68 18.72
N ASN B 48 -3.21 -22.59 18.14
CA ASN B 48 -1.81 -22.47 17.77
C ASN B 48 -1.42 -23.33 16.55
N HIS B 49 -2.41 -23.90 15.86
CA HIS B 49 -2.15 -24.63 14.60
C HIS B 49 -1.80 -23.71 13.43
N LEU B 50 -0.71 -23.99 12.74
CA LEU B 50 -0.23 -23.11 11.68
C LEU B 50 -1.27 -23.00 10.57
N LEU B 51 -1.64 -21.76 10.26
CA LEU B 51 -2.62 -21.46 9.19
C LEU B 51 -1.95 -20.93 7.93
N GLY B 52 -0.88 -20.18 8.13
CA GLY B 52 -0.23 -19.52 7.02
C GLY B 52 0.90 -18.59 7.40
N MET B 53 1.34 -17.81 6.44
CA MET B 53 2.42 -16.88 6.69
C MET B 53 2.16 -15.57 6.00
N LEU B 54 2.50 -14.51 6.72
CA LEU B 54 2.32 -13.13 6.22
C LEU B 54 3.66 -12.44 5.98
N SER B 55 3.81 -11.86 4.82
CA SER B 55 5.02 -11.07 4.52
C SER B 55 4.74 -9.82 3.73
N THR B 56 5.74 -8.97 3.63
CA THR B 56 5.60 -7.74 2.85
C THR B 56 5.42 -8.08 1.38
N SER B 57 5.78 -9.30 0.98
CA SER B 57 5.47 -9.74 -0.39
C SER B 57 3.95 -9.88 -0.52
N ASN B 58 3.30 -10.53 0.46
CA ASN B 58 1.85 -10.58 0.51
C ASN B 58 1.22 -9.19 0.53
N ILE B 59 1.71 -8.35 1.42
CA ILE B 59 1.06 -7.04 1.66
C ILE B 59 1.14 -6.14 0.40
N THR B 60 2.30 -6.14 -0.24
CA THR B 60 2.53 -5.31 -1.44
C THR B 60 1.70 -5.84 -2.58
N ALA B 61 1.65 -7.15 -2.71
CA ALA B 61 0.87 -7.74 -3.80
C ALA B 61 -0.60 -7.38 -3.64
N THR B 62 -1.04 -7.27 -2.41
CA THR B 62 -2.44 -6.95 -2.16
C THR B 62 -2.71 -5.53 -2.55
N TYR B 63 -1.80 -4.63 -2.18
CA TYR B 63 -1.93 -3.19 -2.50
CA TYR B 63 -1.97 -3.20 -2.50
C TYR B 63 -1.77 -2.88 -3.99
N MET B 64 -0.87 -3.61 -4.65
CA MET B 64 -0.52 -3.28 -6.06
C MET B 64 -1.40 -3.97 -7.08
N ASP B 65 -1.97 -5.11 -6.70
CA ASP B 65 -2.71 -5.94 -7.64
C ASP B 65 -4.19 -5.66 -7.62
N ILE B 66 -4.80 -5.82 -8.80
CA ILE B 66 -6.21 -5.45 -9.05
C ILE B 66 -7.09 -5.62 -7.83
N TRP B 67 -7.75 -4.52 -7.49
CA TRP B 67 -8.62 -4.46 -6.31
C TRP B 67 -9.98 -5.04 -6.65
N ASP B 68 -10.29 -6.12 -5.98
CA ASP B 68 -11.64 -6.68 -5.99
C ASP B 68 -12.55 -5.65 -5.32
N SER B 69 -13.69 -5.35 -5.95
CA SER B 69 -14.57 -4.28 -5.44
C SER B 69 -15.24 -4.64 -4.11
N ASN B 70 -15.55 -5.92 -3.98
CA ASN B 70 -16.15 -6.46 -2.77
C ASN B 70 -15.11 -7.12 -1.86
N ILE B 71 -13.92 -6.54 -1.82
CA ILE B 71 -12.83 -7.16 -1.07
C ILE B 71 -13.11 -7.31 0.45
N LEU B 72 -13.91 -6.38 0.98
CA LEU B 72 -14.26 -6.39 2.40
C LEU B 72 -15.18 -7.57 2.69
N ALA B 73 -16.06 -7.85 1.74
CA ALA B 73 -16.97 -8.95 1.85
C ALA B 73 -16.17 -10.25 1.80
N LYS B 74 -15.34 -10.40 0.77
CA LYS B 74 -14.63 -11.67 0.58
C LYS B 74 -13.66 -11.96 1.71
N SER B 75 -13.15 -10.89 2.33
CA SER B 75 -12.21 -11.06 3.42
C SER B 75 -12.97 -11.20 4.72
N ALA B 76 -14.26 -10.92 4.67
CA ALA B 76 -15.05 -10.85 5.89
C ALA B 76 -14.37 -9.92 6.88
N THR B 77 -13.91 -8.78 6.40
CA THR B 77 -13.37 -7.75 7.28
C THR B 77 -14.42 -7.36 8.31
N SER B 78 -13.99 -7.28 9.56
CA SER B 78 -14.85 -6.98 10.70
C SER B 78 -14.87 -5.48 10.94
N LEU B 79 -15.89 -5.05 11.66
CA LEU B 79 -16.08 -3.66 12.06
C LEU B 79 -14.99 -3.23 13.00
N ASP B 80 -14.60 -4.11 13.90
CA ASP B 80 -13.56 -3.72 14.84
C ASP B 80 -12.27 -3.38 14.09
N ASN B 81 -11.99 -4.14 13.03
CA ASN B 81 -10.80 -3.91 12.21
C ASN B 81 -10.85 -2.53 11.53
N ILE B 82 -12.02 -2.18 11.04
CA ILE B 82 -12.24 -0.91 10.34
C ILE B 82 -12.15 0.24 11.32
N LEU B 83 -12.70 0.02 12.51
CA LEU B 83 -12.72 1.04 13.56
C LEU B 83 -11.33 1.36 14.08
N ASP B 84 -10.54 0.33 14.32
CA ASP B 84 -9.19 0.58 14.82
C ASP B 84 -8.35 1.20 13.72
N THR B 85 -8.61 0.80 12.50
CA THR B 85 -7.74 1.21 11.39
C THR B 85 -7.96 2.68 11.08
N LEU B 86 -9.21 3.11 11.13
CA LEU B 86 -9.59 4.49 10.92
C LEU B 86 -9.56 5.35 12.18
N SER B 87 -9.08 4.78 13.27
CA SER B 87 -9.21 5.42 14.60
C SER B 87 -10.60 6.00 14.83
N ALA B 88 -11.57 5.17 14.50
CA ALA B 88 -12.95 5.61 14.37
C ALA B 88 -13.77 5.22 15.60
N GLU B 89 -14.88 5.88 15.78
CA GLU B 89 -15.84 5.53 16.86
C GLU B 89 -17.17 5.32 16.22
N ALA B 90 -17.91 4.34 16.73
CA ALA B 90 -19.23 3.97 16.23
C ALA B 90 -20.29 4.80 16.96
N GLN B 91 -21.23 5.34 16.19
CA GLN B 91 -22.38 6.05 16.77
C GLN B 91 -23.64 5.20 16.71
N ASN B 92 -23.57 4.15 15.90
CA ASN B 92 -24.59 3.11 15.80
C ASN B 92 -24.02 1.88 15.15
N ILE B 93 -24.36 0.71 15.68
CA ILE B 93 -23.90 -0.57 15.14
C ILE B 93 -25.06 -1.53 14.85
N ASN B 94 -25.14 -2.03 13.63
CA ASN B 94 -25.99 -3.18 13.34
C ASN B 94 -25.29 -4.39 13.90
N GLU B 95 -25.79 -4.87 15.03
CA GLU B 95 -25.09 -5.92 15.77
C GLU B 95 -25.33 -7.29 15.22
N GLU B 96 -26.14 -7.38 14.18
CA GLU B 96 -26.46 -8.67 13.59
C GLU B 96 -25.75 -8.90 12.25
N ARG B 97 -24.91 -7.94 11.89
CA ARG B 97 -24.11 -7.99 10.65
C ARG B 97 -22.68 -8.33 10.98
N LYS B 98 -22.15 -9.34 10.30
CA LYS B 98 -20.72 -9.64 10.40
C LYS B 98 -19.96 -9.00 9.23
N VAL B 99 -20.60 -9.01 8.06
CA VAL B 99 -19.93 -8.73 6.81
C VAL B 99 -20.53 -7.56 6.03
N PHE B 100 -19.65 -6.69 5.54
CA PHE B 100 -20.02 -5.52 4.72
C PHE B 100 -19.95 -5.90 3.26
N PRO B 101 -21.11 -6.08 2.60
CA PRO B 101 -21.13 -6.83 1.34
C PRO B 101 -20.80 -6.08 0.05
N GLY B 102 -20.96 -4.77 0.04
CA GLY B 102 -20.84 -3.99 -1.20
C GLY B 102 -19.45 -3.44 -1.50
N LYS B 103 -19.43 -2.39 -2.30
CA LYS B 103 -18.18 -1.71 -2.67
C LYS B 103 -17.96 -0.42 -1.89
N VAL B 104 -16.70 -0.05 -1.77
CA VAL B 104 -16.35 1.18 -1.02
C VAL B 104 -16.39 2.34 -1.98
N VAL B 105 -17.11 3.38 -1.60
CA VAL B 105 -17.34 4.52 -2.47
C VAL B 105 -17.24 5.79 -1.70
N VAL B 106 -16.59 6.79 -2.29
CA VAL B 106 -16.55 8.12 -1.68
C VAL B 106 -17.76 8.88 -2.17
N ALA B 107 -18.55 9.36 -1.23
CA ALA B 107 -19.76 10.09 -1.55
C ALA B 107 -19.43 11.53 -1.86
N ALA B 108 -18.69 11.75 -2.93
CA ALA B 108 -18.27 13.11 -3.35
C ALA B 108 -19.41 13.89 -4.05
N MET B 109 -20.45 13.16 -4.45
CA MET B 109 -21.50 13.70 -5.33
C MET B 109 -22.46 14.64 -4.58
N GLN B 110 -23.53 15.04 -5.26
CA GLN B 110 -24.66 15.76 -4.65
C GLN B 110 -25.63 14.69 -4.13
N ALA B 111 -26.45 15.05 -3.15
CA ALA B 111 -27.38 14.08 -2.51
C ALA B 111 -28.27 13.35 -3.53
N GLU B 112 -28.83 14.14 -4.43
CA GLU B 112 -29.76 13.65 -5.45
C GLU B 112 -29.10 12.64 -6.39
N SER B 113 -27.78 12.72 -6.48
CA SER B 113 -26.97 11.91 -7.44
C SER B 113 -26.47 10.58 -6.88
N LEU B 114 -26.55 10.43 -5.56
CA LEU B 114 -25.90 9.27 -4.90
C LEU B 114 -26.47 7.96 -5.39
N LYS B 115 -27.78 7.95 -5.69
CA LYS B 115 -28.46 6.74 -6.18
C LYS B 115 -27.69 6.02 -7.29
N GLU B 116 -27.07 6.82 -8.15
CA GLU B 116 -26.49 6.32 -9.40
C GLU B 116 -25.18 5.56 -9.16
N PHE B 117 -24.52 5.88 -8.06
CA PHE B 117 -23.21 5.30 -7.78
C PHE B 117 -23.24 4.38 -6.58
N ILE B 118 -24.12 4.70 -5.64
CA ILE B 118 -24.17 4.01 -4.39
C ILE B 118 -25.45 3.23 -4.21
N SER B 119 -25.28 1.95 -3.91
CA SER B 119 -26.42 1.06 -3.72
C SER B 119 -26.32 0.31 -2.39
N GLU B 120 -27.37 -0.46 -2.10
CA GLU B 120 -27.54 -1.17 -0.83
C GLU B 120 -26.37 -2.07 -0.54
N GLY B 121 -25.88 -1.98 0.69
CA GLY B 121 -24.79 -2.84 1.15
C GLY B 121 -23.40 -2.24 0.97
N ASP B 122 -23.33 -1.15 0.22
CA ASP B 122 -22.04 -0.47 -0.02
C ASP B 122 -21.50 0.14 1.26
N ILE B 123 -20.19 0.40 1.24
CA ILE B 123 -19.49 1.14 2.29
C ILE B 123 -19.26 2.55 1.75
N ALA B 124 -19.84 3.54 2.39
CA ALA B 124 -19.81 4.90 1.89
C ALA B 124 -18.98 5.77 2.80
N ILE B 125 -18.03 6.46 2.18
CA ILE B 125 -17.19 7.40 2.90
C ILE B 125 -17.69 8.80 2.63
N ALA B 126 -18.07 9.49 3.67
CA ALA B 126 -18.73 10.77 3.47
C ALA B 126 -18.29 11.78 4.47
N GLY B 127 -18.61 13.03 4.14
CA GLY B 127 -18.27 14.15 4.95
C GLY B 127 -19.37 14.51 5.90
N ASP B 128 -19.32 15.75 6.35
CA ASP B 128 -20.08 16.16 7.51
C ASP B 128 -21.42 16.74 7.15
N ARG B 129 -21.88 16.52 5.93
CA ARG B 129 -23.17 17.08 5.48
C ARG B 129 -24.31 16.13 5.83
N ALA B 130 -25.23 16.63 6.64
CA ALA B 130 -26.37 15.81 7.13
C ALA B 130 -27.18 15.27 5.98
N GLU B 131 -27.34 16.11 4.97
CA GLU B 131 -28.15 15.80 3.80
C GLU B 131 -27.59 14.55 3.13
N ILE B 132 -26.27 14.50 2.99
CA ILE B 132 -25.60 13.37 2.32
C ILE B 132 -25.74 12.10 3.17
N GLN B 133 -25.53 12.26 4.47
CA GLN B 133 -25.58 11.13 5.41
C GLN B 133 -26.95 10.48 5.38
N ALA B 134 -27.97 11.32 5.45
CA ALA B 134 -29.34 10.83 5.49
C ALA B 134 -29.63 9.98 4.26
N GLU B 135 -29.23 10.47 3.09
CA GLU B 135 -29.50 9.75 1.85
C GLU B 135 -28.79 8.40 1.79
N LEU B 136 -27.62 8.34 2.40
CA LEU B 136 -26.82 7.11 2.37
C LEU B 136 -27.49 6.07 3.24
N ILE B 137 -27.99 6.55 4.37
CA ILE B 137 -28.79 5.75 5.29
C ILE B 137 -30.05 5.25 4.57
N GLU B 138 -30.67 6.12 3.79
CA GLU B 138 -31.88 5.74 3.04
C GLU B 138 -31.57 4.69 1.99
N LEU B 139 -30.34 4.73 1.48
CA LEU B 139 -29.91 3.78 0.43
C LEU B 139 -29.44 2.47 1.01
N LYS B 140 -29.47 2.40 2.33
CA LYS B 140 -29.10 1.16 3.06
C LYS B 140 -27.68 0.69 2.80
N VAL B 141 -26.77 1.66 2.73
CA VAL B 141 -25.36 1.33 2.84
C VAL B 141 -25.22 0.42 4.03
N SER B 142 -24.34 -0.57 3.90
CA SER B 142 -24.02 -1.44 5.02
C SER B 142 -23.18 -0.68 6.05
N LEU B 143 -22.48 0.35 5.59
CA LEU B 143 -21.59 1.12 6.50
C LEU B 143 -21.39 2.52 5.97
N LEU B 144 -21.66 3.47 6.87
CA LEU B 144 -21.47 4.87 6.63
C LEU B 144 -20.27 5.30 7.46
N ILE B 145 -19.21 5.76 6.76
CA ILE B 145 -17.99 6.22 7.41
C ILE B 145 -17.95 7.71 7.26
N VAL B 146 -18.11 8.41 8.37
CA VAL B 146 -18.07 9.84 8.38
C VAL B 146 -16.63 10.32 8.65
N THR B 147 -16.14 11.13 7.72
CA THR B 147 -14.75 11.62 7.76
C THR B 147 -14.71 13.03 8.22
N GLY B 148 -13.58 13.43 8.77
CA GLY B 148 -13.38 14.79 9.20
C GLY B 148 -13.50 14.95 10.70
N GLY B 149 -13.90 13.87 11.38
CA GLY B 149 -13.96 13.90 12.86
C GLY B 149 -15.27 14.40 13.44
N HIS B 150 -16.16 14.87 12.58
CA HIS B 150 -17.45 15.39 13.03
C HIS B 150 -18.55 14.35 13.18
N THR B 151 -18.81 13.93 14.41
CA THR B 151 -19.83 12.91 14.70
C THR B 151 -21.18 13.46 14.25
N PRO B 152 -21.95 12.67 13.51
CA PRO B 152 -23.21 13.16 12.99
C PRO B 152 -24.21 13.58 14.05
N SER B 153 -25.18 14.38 13.61
CA SER B 153 -26.26 14.88 14.47
C SER B 153 -27.05 13.75 15.07
N LYS B 154 -27.74 14.09 16.16
CA LYS B 154 -28.58 13.15 16.88
C LYS B 154 -29.70 12.65 15.98
N GLU B 155 -30.13 13.53 15.09
CA GLU B 155 -31.19 13.16 14.15
C GLU B 155 -30.72 12.03 13.25
N ILE B 156 -29.49 12.18 12.77
CA ILE B 156 -28.90 11.22 11.82
C ILE B 156 -28.67 9.90 12.53
N ILE B 157 -28.17 9.97 13.74
CA ILE B 157 -27.96 8.78 14.55
C ILE B 157 -29.27 8.01 14.74
N GLU B 158 -30.37 8.74 14.95
CA GLU B 158 -31.70 8.14 15.15
C GLU B 158 -32.18 7.45 13.89
N LEU B 159 -32.02 8.13 12.77
CA LEU B 159 -32.38 7.58 11.46
C LEU B 159 -31.64 6.26 11.22
N ALA B 160 -30.37 6.22 11.63
CA ALA B 160 -29.53 5.03 11.48
C ALA B 160 -29.96 3.89 12.41
N LYS B 161 -30.41 4.24 13.62
CA LYS B 161 -30.87 3.26 14.63
C LYS B 161 -32.08 2.51 14.08
N LYS B 162 -32.94 3.26 13.44
CA LYS B 162 -34.20 2.73 12.93
C LYS B 162 -33.99 1.80 11.76
N ASN B 163 -32.94 2.10 11.03
CA ASN B 163 -32.69 1.40 9.78
C ASN B 163 -31.62 0.39 9.92
N ASN B 164 -31.09 0.32 11.13
CA ASN B 164 -29.97 -0.54 11.49
C ASN B 164 -28.80 -0.39 10.53
N ILE B 165 -28.38 0.85 10.36
CA ILE B 165 -27.17 1.16 9.61
C ILE B 165 -26.03 1.47 10.57
N THR B 166 -24.95 0.75 10.39
CA THR B 166 -23.72 1.01 11.10
C THR B 166 -23.10 2.32 10.59
N VAL B 167 -22.85 3.20 11.56
CA VAL B 167 -22.30 4.52 11.31
C VAL B 167 -21.13 4.72 12.24
N ILE B 168 -20.02 5.13 11.66
CA ILE B 168 -18.80 5.41 12.41
C ILE B 168 -18.20 6.70 11.90
N THR B 169 -17.39 7.32 12.75
CA THR B 169 -16.71 8.55 12.43
C THR B 169 -15.21 8.47 12.67
N THR B 170 -14.45 8.87 11.64
CA THR B 170 -13.00 8.90 11.68
C THR B 170 -12.53 10.35 11.64
N PRO B 171 -11.44 10.67 12.35
CA PRO B 171 -10.92 12.02 12.24
C PRO B 171 -10.23 12.30 10.90
N HIS B 172 -9.95 11.26 10.13
CA HIS B 172 -9.26 11.42 8.86
C HIS B 172 -10.18 11.97 7.82
N ASP B 173 -9.63 12.76 6.91
CA ASP B 173 -10.38 13.24 5.74
C ASP B 173 -10.53 12.09 4.77
N SER B 174 -11.29 12.32 3.71
CA SER B 174 -11.69 11.25 2.80
C SER B 174 -10.56 10.59 2.03
N PHE B 175 -9.53 11.37 1.72
CA PHE B 175 -8.41 10.85 0.98
C PHE B 175 -7.64 9.87 1.84
N THR B 176 -7.38 10.28 3.06
CA THR B 176 -6.62 9.44 3.96
C THR B 176 -7.41 8.19 4.34
N ALA B 177 -8.69 8.39 4.65
CA ALA B 177 -9.58 7.23 4.98
C ALA B 177 -9.60 6.19 3.88
N SER B 178 -9.53 6.66 2.62
CA SER B 178 -9.57 5.76 1.47
C SER B 178 -8.32 4.92 1.43
N ARG B 179 -7.19 5.59 1.67
CA ARG B 179 -5.87 4.91 1.79
C ARG B 179 -5.84 3.88 2.92
N LEU B 180 -6.51 4.23 4.01
CA LEU B 180 -6.43 3.43 5.26
C LEU B 180 -7.26 2.18 5.24
N ILE B 181 -8.39 2.29 4.57
CA ILE B 181 -9.44 1.25 4.73
C ILE B 181 -8.88 -0.09 4.28
N VAL B 182 -8.04 -0.03 3.25
CA VAL B 182 -7.35 -1.22 2.72
C VAL B 182 -6.56 -1.96 3.81
N GLN B 183 -6.04 -1.21 4.78
CA GLN B 183 -5.27 -1.81 5.84
C GLN B 183 -6.16 -2.49 6.91
N SER B 184 -7.47 -2.47 6.70
CA SER B 184 -8.39 -3.15 7.64
C SER B 184 -8.45 -4.62 7.38
N LEU B 185 -8.04 -5.05 6.20
CA LEU B 185 -8.17 -6.45 5.81
C LEU B 185 -7.57 -7.41 6.82
N PRO B 186 -8.24 -8.53 7.05
CA PRO B 186 -7.65 -9.55 7.90
C PRO B 186 -6.51 -10.28 7.22
N VAL B 187 -5.55 -10.64 8.03
CA VAL B 187 -4.33 -11.30 7.56
C VAL B 187 -4.58 -12.58 6.78
N ASP B 188 -5.60 -13.32 7.20
CA ASP B 188 -5.91 -14.62 6.57
C ASP B 188 -6.33 -14.47 5.12
N TYR B 189 -6.89 -13.33 4.76
CA TYR B 189 -7.27 -13.11 3.36
C TYR B 189 -6.00 -12.94 2.48
N VAL B 190 -4.95 -12.42 3.08
CA VAL B 190 -3.74 -11.99 2.33
C VAL B 190 -2.61 -13.00 2.36
N MET B 191 -2.49 -13.70 3.48
CA MET B 191 -1.37 -14.59 3.73
C MET B 191 -1.13 -15.69 2.69
N THR B 192 0.11 -16.12 2.64
CA THR B 192 0.46 -17.38 2.00
C THR B 192 -0.13 -18.52 2.83
N LYS B 193 -0.82 -19.41 2.13
CA LYS B 193 -1.46 -20.55 2.74
C LYS B 193 -0.88 -21.82 2.15
N ASP B 194 -1.01 -21.94 0.84
CA ASP B 194 -0.63 -23.15 0.11
C ASP B 194 0.85 -23.15 -0.26
N ASN B 195 1.44 -24.32 -0.20
CA ASN B 195 2.88 -24.49 -0.45
C ASN B 195 3.74 -23.59 0.45
N LEU B 196 3.15 -23.20 1.57
CA LEU B 196 3.90 -22.71 2.72
C LEU B 196 4.77 -23.87 3.16
N VAL B 197 6.06 -23.61 3.33
CA VAL B 197 7.00 -24.66 3.69
C VAL B 197 7.42 -24.48 5.15
N ALA B 198 6.93 -25.41 5.98
CA ALA B 198 7.31 -25.47 7.39
C ALA B 198 8.06 -26.75 7.58
N VAL B 199 8.69 -26.87 8.73
CA VAL B 199 9.39 -28.10 9.07
C VAL B 199 8.85 -28.61 10.39
N SER B 200 8.86 -29.93 10.54
CA SER B 200 8.39 -30.58 11.78
C SER B 200 9.53 -30.84 12.76
N THR B 201 9.24 -30.63 14.03
CA THR B 201 10.12 -31.00 15.16
C THR B 201 10.62 -32.45 14.98
N ASP B 202 9.74 -33.26 14.37
CA ASP B 202 9.98 -34.69 14.05
C ASP B 202 11.04 -34.92 12.95
N ASP B 203 11.13 -34.00 12.00
CA ASP B 203 11.97 -34.19 10.78
C ASP B 203 13.45 -34.28 11.09
N LEU B 204 14.12 -35.18 10.40
CA LEU B 204 15.60 -35.29 10.46
C LEU B 204 16.25 -34.04 9.80
N VAL B 205 17.31 -33.55 10.41
CA VAL B 205 18.00 -32.35 9.89
C VAL B 205 18.54 -32.58 8.48
N GLU B 206 19.11 -33.75 8.25
CA GLU B 206 19.69 -34.11 6.95
C GLU B 206 18.63 -34.02 5.85
N ASP B 207 17.43 -34.51 6.16
CA ASP B 207 16.26 -34.42 5.27
C ASP B 207 15.84 -32.96 5.07
N VAL B 208 15.87 -32.19 6.16
CA VAL B 208 15.48 -30.78 6.10
C VAL B 208 16.46 -29.97 5.25
N LYS B 209 17.75 -30.33 5.32
CA LYS B 209 18.74 -29.71 4.45
C LYS B 209 18.32 -29.91 2.98
N VAL B 210 17.87 -31.13 2.68
CA VAL B 210 17.39 -31.48 1.32
C VAL B 210 16.19 -30.64 0.91
N THR B 211 15.27 -30.44 1.86
CA THR B 211 14.04 -29.69 1.63
C THR B 211 14.31 -28.19 1.48
N MET B 212 15.27 -27.69 2.26
CA MET B 212 15.67 -26.27 2.17
C MET B 212 16.42 -26.04 0.88
N SER B 213 17.09 -27.07 0.41
CA SER B 213 17.87 -26.94 -0.81
C SER B 213 16.95 -26.43 -1.92
N GLU B 214 15.86 -27.15 -2.13
CA GLU B 214 14.89 -26.82 -3.18
C GLU B 214 14.36 -25.38 -3.09
N THR B 215 13.85 -25.02 -1.92
CA THR B 215 12.92 -23.90 -1.79
C THR B 215 13.51 -22.49 -1.83
N ARG B 216 14.64 -22.29 -1.18
CA ARG B 216 15.37 -21.00 -1.24
C ARG B 216 14.90 -19.89 -0.27
N TYR B 217 13.93 -20.19 0.59
CA TYR B 217 13.43 -19.19 1.59
C TYR B 217 14.43 -18.96 2.71
N SER B 218 14.33 -17.81 3.35
CA SER B 218 15.28 -17.48 4.42
C SER B 218 14.87 -18.07 5.76
N ASN B 219 13.56 -18.27 5.95
CA ASN B 219 12.98 -18.72 7.25
C ASN B 219 11.80 -19.66 7.12
N TYR B 220 11.82 -20.67 7.98
CA TYR B 220 10.84 -21.74 7.97
C TYR B 220 10.18 -21.92 9.36
N PRO B 221 8.84 -21.78 9.42
CA PRO B 221 8.19 -22.06 10.70
C PRO B 221 8.31 -23.54 11.06
N VAL B 222 8.35 -23.76 12.36
CA VAL B 222 8.50 -25.10 12.89
C VAL B 222 7.25 -25.50 13.64
N ILE B 223 6.78 -26.68 13.27
CA ILE B 223 5.57 -27.25 13.83
C ILE B 223 5.88 -28.54 14.57
N ASP B 224 4.95 -28.95 15.44
CA ASP B 224 5.09 -30.21 16.19
C ASP B 224 4.23 -31.33 15.59
N GLU B 225 4.19 -32.46 16.29
CA GLU B 225 3.42 -33.64 15.84
C GLU B 225 1.98 -33.28 15.59
N ASN B 226 1.50 -32.27 16.30
CA ASN B 226 0.10 -31.88 16.28
C ASN B 226 -0.17 -30.64 15.47
N ASN B 227 0.79 -30.28 14.64
CA ASN B 227 0.63 -29.15 13.71
C ASN B 227 0.66 -27.78 14.38
N LYS B 228 1.11 -27.74 15.64
CA LYS B 228 1.16 -26.50 16.41
C LYS B 228 2.49 -25.71 16.26
N VAL B 229 2.37 -24.39 16.15
CA VAL B 229 3.51 -23.52 15.83
C VAL B 229 4.43 -23.32 17.03
N VAL B 230 5.63 -23.86 16.87
CA VAL B 230 6.61 -23.97 17.93
C VAL B 230 7.77 -22.97 17.76
N GLY B 231 7.92 -22.45 16.55
CA GLY B 231 8.96 -21.46 16.24
C GLY B 231 9.24 -21.28 14.77
N SER B 232 10.45 -20.81 14.47
CA SER B 232 10.96 -20.78 13.08
C SER B 232 12.48 -20.86 13.11
N ILE B 233 13.06 -21.28 12.00
CA ILE B 233 14.50 -21.37 11.89
C ILE B 233 15.02 -20.82 10.56
N ALA B 234 16.20 -20.20 10.67
CA ALA B 234 16.90 -19.62 9.52
C ALA B 234 17.66 -20.70 8.78
N ARG B 235 17.87 -20.49 7.50
CA ARG B 235 18.55 -21.49 6.67
C ARG B 235 20.07 -21.51 6.92
#